data_4CT6
#
_entry.id   4CT6
#
_cell.length_a   153.670
_cell.length_b   66.142
_cell.length_c   72.436
_cell.angle_alpha   90.00
_cell.angle_beta   100.35
_cell.angle_gamma   90.00
#
_symmetry.space_group_name_H-M   'C 1 2 1'
#
loop_
_entity.id
_entity.type
_entity.pdbx_description
1 polymer 'CCR4-NOT TRANSCRIPTION COMPLEX SUBUNIT 1'
2 polymer 'CELL DIFFERENTIATION PROTEIN RCD1 HOMOLOG'
3 water water
#
loop_
_entity_poly.entity_id
_entity_poly.type
_entity_poly.pdbx_seq_one_letter_code
_entity_poly.pdbx_strand_id
1 'polypeptide(L)'
;PPQPQYSYHDINVYSLAGLAPHITLNPTIPLFQAHPQLKQCVRQAIERAVQELVHPVVDRSIKIAMTTCEQIVRKDFALD
SEESRMRIAAHHMMRNLTAGMAMITCREPLLMSISTNLKNSFASALRTASPQQREMMDQAAAQLAQDNCELACCFIQKTA
VEKAGPEMDKRLATEFELRKHARQEGRRYCDPVVLTYQAERMPEQIRLKVGGVDPKQLAVYEEFARNVPGFLPTNDLSQP
TGF
;
A
2 'polypeptide(L)'
;AADREKIYQWINELSSPETRENALLELSKKRESVPDLAPMLWHSFGTIAALLQEIVNIYPSINPPTLTAHQSNRVCNALA
LLQCVASHPETRSAFLAAHIPLFLYPFLHTVSKTRPFEYLRLTSLGVIGALVKTDEQEVINFLLTTEIIPLCLRIMESGS
ELSKTVATFILQKILLDDTGLAYICQTYERFSHVAMILGKMVLQLSKEPSARLLKHVVRCYLRLSDNPRAREALRQCLPD
QLKDTTFAQVLKDDTTTKRWLAQLVKNLQE
;
B
#
# COMPACT_ATOMS: atom_id res chain seq x y z
N PRO A 1 -3.40 -18.83 -7.71
CA PRO A 1 -3.06 -20.01 -8.51
C PRO A 1 -1.96 -19.78 -9.57
N PRO A 2 -1.92 -18.61 -10.25
CA PRO A 2 -0.86 -18.50 -11.27
C PRO A 2 0.52 -18.08 -10.75
N GLN A 3 1.53 -18.85 -11.12
CA GLN A 3 2.93 -18.51 -10.86
C GLN A 3 3.38 -17.41 -11.83
N PRO A 4 4.48 -16.71 -11.51
CA PRO A 4 5.03 -15.75 -12.48
C PRO A 4 5.64 -16.44 -13.71
N GLN A 5 5.53 -15.79 -14.87
CA GLN A 5 6.02 -16.34 -16.13
C GLN A 5 7.53 -16.38 -16.28
N TYR A 6 8.21 -15.40 -15.69
CA TYR A 6 9.65 -15.26 -15.91
C TYR A 6 10.47 -15.36 -14.67
N SER A 7 11.71 -15.79 -14.86
CA SER A 7 12.73 -15.70 -13.84
C SER A 7 13.44 -14.37 -14.05
N TYR A 8 14.15 -13.93 -13.02
CA TYR A 8 14.84 -12.64 -13.08
C TYR A 8 15.81 -12.60 -14.24
N HIS A 9 16.47 -13.72 -14.48
CA HIS A 9 17.51 -13.78 -15.49
C HIS A 9 16.96 -13.95 -16.90
N ASP A 10 15.70 -14.38 -17.03
CA ASP A 10 15.09 -14.53 -18.35
C ASP A 10 14.95 -13.21 -19.14
N ILE A 11 15.11 -12.07 -18.49
CA ILE A 11 14.89 -10.79 -19.15
C ILE A 11 16.09 -9.86 -19.06
N ASN A 12 16.75 -9.62 -20.18
CA ASN A 12 17.90 -8.72 -20.15
C ASN A 12 17.42 -7.29 -20.40
N VAL A 13 17.93 -6.38 -19.56
CA VAL A 13 17.31 -5.08 -19.40
C VAL A 13 18.27 -3.97 -19.78
N TYR A 14 19.46 -4.38 -20.20
CA TYR A 14 20.48 -3.45 -20.63
C TYR A 14 19.99 -2.63 -21.83
N SER A 15 19.10 -3.21 -22.62
CA SER A 15 18.53 -2.55 -23.78
C SER A 15 17.07 -2.95 -23.98
N LEU A 16 16.30 -2.11 -24.67
CA LEU A 16 14.90 -2.40 -24.95
C LEU A 16 14.76 -3.62 -25.86
N ALA A 17 15.88 -4.07 -26.44
CA ALA A 17 15.91 -5.27 -27.27
C ALA A 17 15.51 -6.50 -26.46
N GLY A 18 15.80 -6.48 -25.16
CA GLY A 18 15.43 -7.58 -24.28
C GLY A 18 13.95 -7.94 -24.29
N LEU A 19 13.11 -7.06 -24.82
CA LEU A 19 11.66 -7.31 -24.82
C LEU A 19 11.17 -8.19 -25.98
N ALA A 20 11.84 -8.12 -27.13
CA ALA A 20 11.34 -8.71 -28.37
C ALA A 20 11.05 -10.24 -28.34
N PRO A 21 11.99 -11.07 -27.83
CA PRO A 21 11.72 -12.52 -27.87
C PRO A 21 10.54 -12.98 -27.01
N HIS A 22 10.10 -12.16 -26.06
CA HIS A 22 9.08 -12.60 -25.11
C HIS A 22 7.67 -12.09 -25.48
N ILE A 23 7.57 -11.31 -26.54
CA ILE A 23 6.29 -10.71 -26.92
C ILE A 23 5.32 -11.76 -27.47
N THR A 24 4.09 -11.77 -26.96
CA THR A 24 3.17 -12.83 -27.31
C THR A 24 1.95 -12.34 -28.09
N LEU A 25 1.64 -13.04 -29.17
CA LEU A 25 0.64 -12.62 -30.14
C LEU A 25 -0.40 -13.71 -30.33
N ASN A 26 -1.50 -13.61 -29.58
CA ASN A 26 -2.61 -14.54 -29.73
C ASN A 26 -3.05 -14.61 -31.19
N PRO A 27 -2.76 -15.75 -31.84
CA PRO A 27 -3.07 -15.87 -33.28
C PRO A 27 -4.57 -15.79 -33.57
N THR A 28 -5.42 -16.06 -32.56
CA THR A 28 -6.87 -16.02 -32.76
C THR A 28 -7.48 -14.61 -32.75
N ILE A 29 -6.65 -13.60 -32.48
CA ILE A 29 -7.12 -12.22 -32.46
C ILE A 29 -7.74 -11.83 -33.80
N PRO A 30 -9.05 -11.52 -33.81
CA PRO A 30 -9.84 -11.25 -35.02
C PRO A 30 -9.15 -10.24 -35.95
N LEU A 31 -8.66 -9.13 -35.40
CA LEU A 31 -7.92 -8.15 -36.18
C LEU A 31 -6.70 -8.78 -36.88
N PHE A 32 -6.10 -9.80 -36.25
CA PHE A 32 -4.91 -10.44 -36.81
C PHE A 32 -5.27 -11.44 -37.91
N GLN A 33 -6.34 -12.20 -37.69
CA GLN A 33 -6.90 -13.06 -38.73
C GLN A 33 -7.16 -12.29 -40.04
N ALA A 34 -7.65 -11.05 -39.91
CA ALA A 34 -8.02 -10.24 -41.07
C ALA A 34 -6.82 -9.54 -41.73
N HIS A 35 -5.84 -9.13 -40.94
CA HIS A 35 -4.60 -8.56 -41.48
C HIS A 35 -3.41 -9.01 -40.66
N PRO A 36 -2.91 -10.23 -40.94
CA PRO A 36 -1.76 -10.79 -40.24
C PRO A 36 -0.55 -9.85 -40.27
N GLN A 37 -0.60 -8.85 -41.15
CA GLN A 37 0.46 -7.85 -41.29
C GLN A 37 0.65 -7.01 -40.02
N LEU A 38 -0.46 -6.61 -39.39
CA LEU A 38 -0.45 -5.76 -38.22
C LEU A 38 0.34 -6.32 -37.04
N LYS A 39 0.65 -7.62 -37.09
CA LYS A 39 1.50 -8.23 -36.07
C LYS A 39 2.87 -7.54 -36.03
N GLN A 40 3.26 -6.93 -37.14
CA GLN A 40 4.58 -6.30 -37.27
C GLN A 40 4.74 -5.02 -36.43
N CYS A 41 3.64 -4.41 -36.03
CA CYS A 41 3.74 -3.14 -35.31
C CYS A 41 3.66 -3.29 -33.80
N VAL A 42 3.55 -4.53 -33.32
CA VAL A 42 3.35 -4.77 -31.89
C VAL A 42 4.61 -4.44 -31.08
N ARG A 43 5.75 -5.02 -31.47
CA ARG A 43 7.01 -4.87 -30.74
C ARG A 43 7.34 -3.41 -30.42
N GLN A 44 7.22 -2.55 -31.42
CA GLN A 44 7.60 -1.15 -31.29
C GLN A 44 6.65 -0.33 -30.41
N ALA A 45 5.36 -0.67 -30.43
CA ALA A 45 4.39 -0.03 -29.57
C ALA A 45 4.66 -0.37 -28.11
N ILE A 46 5.06 -1.63 -27.89
CA ILE A 46 5.41 -2.08 -26.56
C ILE A 46 6.71 -1.41 -26.09
N GLU A 47 7.72 -1.39 -26.96
CA GLU A 47 9.01 -0.84 -26.58
C GLU A 47 8.88 0.64 -26.22
N ARG A 48 8.01 1.34 -26.91
CA ARG A 48 7.84 2.76 -26.65
C ARG A 48 7.04 3.02 -25.38
N ALA A 49 6.13 2.11 -25.06
CA ALA A 49 5.41 2.19 -23.79
C ALA A 49 6.39 2.04 -22.61
N VAL A 50 7.26 1.04 -22.69
CA VAL A 50 8.25 0.79 -21.65
C VAL A 50 9.22 1.97 -21.55
N GLN A 51 9.66 2.46 -22.69
CA GLN A 51 10.62 3.55 -22.77
C GLN A 51 10.12 4.85 -22.13
N GLU A 52 8.80 5.08 -22.19
CA GLU A 52 8.23 6.30 -21.67
C GLU A 52 7.93 6.20 -20.18
N LEU A 53 7.78 4.96 -19.69
CA LEU A 53 7.38 4.75 -18.30
C LEU A 53 8.51 4.27 -17.38
N VAL A 54 9.59 3.73 -17.94
CA VAL A 54 10.55 3.03 -17.11
C VAL A 54 11.17 3.96 -16.04
N HIS A 55 11.63 5.15 -16.43
CA HIS A 55 12.29 6.03 -15.49
C HIS A 55 11.38 6.67 -14.41
N PRO A 56 10.15 7.11 -14.77
CA PRO A 56 9.25 7.55 -13.69
C PRO A 56 8.86 6.44 -12.72
N VAL A 57 8.65 5.24 -13.25
CA VAL A 57 8.29 4.13 -12.38
C VAL A 57 9.48 3.72 -11.50
N VAL A 58 10.66 3.64 -12.09
CA VAL A 58 11.86 3.30 -11.31
C VAL A 58 12.06 4.33 -10.20
N ASP A 59 12.01 5.61 -10.57
CA ASP A 59 12.26 6.68 -9.62
C ASP A 59 11.27 6.65 -8.47
N ARG A 60 9.99 6.47 -8.79
CA ARG A 60 8.95 6.49 -7.76
C ARG A 60 9.02 5.28 -6.82
N SER A 61 9.36 4.12 -7.38
CA SER A 61 9.41 2.90 -6.60
C SER A 61 10.56 2.93 -5.61
N ILE A 62 11.73 3.32 -6.07
CA ILE A 62 12.88 3.45 -5.17
C ILE A 62 12.57 4.47 -4.07
N LYS A 63 11.98 5.60 -4.44
CA LYS A 63 11.63 6.64 -3.47
C LYS A 63 10.66 6.15 -2.37
N ILE A 64 9.62 5.43 -2.77
CA ILE A 64 8.69 4.87 -1.79
C ILE A 64 9.40 3.84 -0.90
N ALA A 65 10.14 2.93 -1.51
CA ALA A 65 10.74 1.83 -0.78
C ALA A 65 11.88 2.26 0.14
N MET A 66 12.61 3.31 -0.25
CA MET A 66 13.84 3.72 0.44
C MET A 66 13.69 3.98 1.95
N THR A 67 12.73 4.83 2.28
CA THR A 67 12.52 5.27 3.65
C THR A 67 12.11 4.12 4.54
N THR A 68 11.15 3.34 4.07
CA THR A 68 10.70 2.19 4.81
C THR A 68 11.87 1.22 5.06
N CYS A 69 12.61 0.89 4.02
CA CYS A 69 13.73 -0.04 4.17
C CYS A 69 14.89 0.51 5.07
N GLU A 70 15.26 1.77 4.91
CA GLU A 70 16.26 2.39 5.77
C GLU A 70 15.89 2.33 7.26
N GLN A 71 14.67 2.73 7.59
CA GLN A 71 14.21 2.76 8.99
C GLN A 71 14.18 1.38 9.65
N ILE A 72 13.66 0.38 8.93
CA ILE A 72 13.53 -0.96 9.48
C ILE A 72 14.90 -1.63 9.68
N VAL A 73 15.76 -1.53 8.67
CA VAL A 73 17.12 -2.06 8.72
C VAL A 73 17.94 -1.41 9.82
N ARG A 74 17.85 -0.08 9.92
CA ARG A 74 18.51 0.67 10.99
C ARG A 74 18.08 0.17 12.36
N LYS A 75 16.79 -0.14 12.46
CA LYS A 75 16.16 -0.58 13.69
C LYS A 75 16.61 -2.00 14.04
N ASP A 76 16.59 -2.90 13.05
CA ASP A 76 16.88 -4.32 13.30
C ASP A 76 18.39 -4.52 13.65
N PHE A 77 19.26 -3.74 13.03
CA PHE A 77 20.71 -3.93 13.16
C PHE A 77 21.38 -2.93 14.09
N ALA A 78 20.57 -2.26 14.90
CA ALA A 78 21.03 -1.22 15.83
C ALA A 78 22.15 -1.68 16.80
N LEU A 79 22.10 -2.94 17.25
CA LEU A 79 23.06 -3.51 18.19
C LEU A 79 24.11 -4.37 17.48
N ASP A 80 24.11 -4.30 16.16
CA ASP A 80 25.06 -5.04 15.33
C ASP A 80 26.21 -4.13 14.91
N SER A 81 27.41 -4.41 15.43
CA SER A 81 28.55 -3.51 15.25
C SER A 81 29.19 -3.70 13.88
N GLU A 82 28.87 -4.83 13.26
CA GLU A 82 29.35 -5.15 11.93
C GLU A 82 28.46 -4.50 10.86
N GLU A 83 29.05 -4.10 9.73
CA GLU A 83 28.31 -3.41 8.69
C GLU A 83 27.97 -4.36 7.57
N SER A 84 28.64 -5.51 7.61
CA SER A 84 28.49 -6.57 6.62
C SER A 84 27.08 -7.17 6.54
N ARG A 85 26.58 -7.65 7.68
CA ARG A 85 25.25 -8.25 7.71
C ARG A 85 24.20 -7.20 7.32
N MET A 86 24.34 -6.00 7.87
CA MET A 86 23.40 -4.91 7.65
C MET A 86 23.27 -4.55 6.18
N ARG A 87 24.41 -4.43 5.50
CA ARG A 87 24.45 -4.05 4.11
C ARG A 87 23.74 -5.05 3.21
N ILE A 88 24.00 -6.34 3.44
CA ILE A 88 23.38 -7.42 2.69
C ILE A 88 21.85 -7.49 2.89
N ALA A 89 21.44 -7.42 4.15
CA ALA A 89 20.03 -7.46 4.48
C ALA A 89 19.30 -6.26 3.86
N ALA A 90 19.93 -5.09 3.91
CA ALA A 90 19.34 -3.88 3.38
C ALA A 90 19.20 -3.98 1.86
N HIS A 91 20.24 -4.54 1.26
CA HIS A 91 20.24 -4.90 -0.15
C HIS A 91 19.02 -5.74 -0.55
N HIS A 92 18.81 -6.83 0.18
CA HIS A 92 17.75 -7.78 -0.13
C HIS A 92 16.37 -7.17 0.06
N MET A 93 16.17 -6.49 1.18
CA MET A 93 14.91 -5.86 1.47
C MET A 93 14.60 -4.75 0.49
N MET A 94 15.57 -3.87 0.23
CA MET A 94 15.35 -2.75 -0.69
C MET A 94 15.02 -3.21 -2.10
N ARG A 95 15.79 -4.18 -2.60
CA ARG A 95 15.54 -4.75 -3.93
C ARG A 95 14.14 -5.35 -4.02
N ASN A 96 13.70 -6.00 -2.95
CA ASN A 96 12.41 -6.65 -2.92
C ASN A 96 11.27 -5.64 -2.88
N LEU A 97 11.31 -4.73 -1.92
CA LEU A 97 10.23 -3.74 -1.76
C LEU A 97 10.19 -2.78 -2.96
N THR A 98 11.33 -2.54 -3.58
CA THR A 98 11.35 -1.72 -4.80
C THR A 98 10.66 -2.46 -5.94
N ALA A 99 10.97 -3.75 -6.11
CA ALA A 99 10.32 -4.54 -7.17
C ALA A 99 8.80 -4.59 -6.97
N GLY A 100 8.37 -4.76 -5.74
CA GLY A 100 6.96 -4.76 -5.42
C GLY A 100 6.27 -3.45 -5.73
N MET A 101 6.86 -2.33 -5.29
CA MET A 101 6.29 -1.03 -5.58
C MET A 101 6.29 -0.76 -7.08
N ALA A 102 7.36 -1.19 -7.75
CA ALA A 102 7.45 -1.06 -9.21
C ALA A 102 6.28 -1.81 -9.92
N MET A 103 5.98 -3.01 -9.44
CA MET A 103 4.93 -3.81 -10.06
C MET A 103 3.56 -3.15 -9.87
N ILE A 104 3.32 -2.63 -8.67
CA ILE A 104 2.08 -1.96 -8.35
C ILE A 104 1.95 -0.68 -9.17
N THR A 105 3.06 0.02 -9.36
CA THR A 105 3.04 1.32 -9.99
C THR A 105 2.87 1.30 -11.52
N CYS A 106 3.42 0.29 -12.19
CA CYS A 106 3.46 0.41 -13.64
C CYS A 106 2.38 -0.35 -14.41
N ARG A 107 1.68 -1.27 -13.74
CA ARG A 107 0.77 -2.16 -14.44
C ARG A 107 -0.32 -1.41 -15.19
N GLU A 108 -1.14 -0.65 -14.46
CA GLU A 108 -2.23 0.10 -15.08
C GLU A 108 -1.73 1.18 -16.06
N PRO A 109 -0.67 1.93 -15.71
CA PRO A 109 -0.13 2.83 -16.75
C PRO A 109 0.39 2.08 -17.99
N LEU A 110 0.91 0.87 -17.81
CA LEU A 110 1.42 0.10 -18.95
C LEU A 110 0.28 -0.32 -19.87
N LEU A 111 -0.77 -0.88 -19.27
CA LEU A 111 -1.97 -1.28 -20.01
C LEU A 111 -2.50 -0.13 -20.87
N MET A 112 -2.75 1.00 -20.22
CA MET A 112 -3.21 2.20 -20.89
C MET A 112 -2.29 2.62 -22.04
N SER A 113 -0.99 2.64 -21.78
CA SER A 113 -0.03 3.14 -22.75
C SER A 113 0.22 2.17 -23.90
N ILE A 114 0.26 0.88 -23.59
CA ILE A 114 0.42 -0.12 -24.64
C ILE A 114 -0.82 -0.12 -25.53
N SER A 115 -2.00 -0.12 -24.91
CA SER A 115 -3.26 -0.07 -25.65
C SER A 115 -3.35 1.15 -26.55
N THR A 116 -3.01 2.31 -26.00
CA THR A 116 -3.02 3.54 -26.77
C THR A 116 -2.07 3.47 -27.97
N ASN A 117 -0.82 3.06 -27.72
CA ASN A 117 0.16 2.92 -28.79
C ASN A 117 -0.30 1.97 -29.93
N LEU A 118 -0.91 0.85 -29.56
CA LEU A 118 -1.27 -0.16 -30.56
C LEU A 118 -2.41 0.32 -31.47
N LYS A 119 -3.41 0.92 -30.85
CA LYS A 119 -4.50 1.53 -31.61
C LYS A 119 -4.04 2.55 -32.66
N ASN A 120 -3.21 3.49 -32.21
CA ASN A 120 -2.68 4.53 -33.08
C ASN A 120 -1.79 3.93 -34.18
N SER A 121 -1.01 2.91 -33.83
CA SER A 121 -0.24 2.18 -34.84
C SER A 121 -1.20 1.49 -35.80
N PHE A 122 -2.17 0.79 -35.23
CA PHE A 122 -3.17 0.08 -36.01
C PHE A 122 -3.90 1.03 -36.94
N ALA A 123 -4.32 2.17 -36.40
CA ALA A 123 -5.12 3.14 -37.15
C ALA A 123 -4.33 3.87 -38.25
N SER A 124 -3.00 3.90 -38.12
CA SER A 124 -2.17 4.56 -39.12
C SER A 124 -1.81 3.62 -40.26
N ALA A 125 -1.49 2.38 -39.94
CA ALA A 125 -1.05 1.42 -40.95
C ALA A 125 -2.20 0.92 -41.83
N LEU A 126 -3.38 0.72 -41.22
CA LEU A 126 -4.49 0.10 -41.92
C LEU A 126 -5.86 0.66 -41.55
N ARG A 127 -6.24 1.82 -42.11
CA ARG A 127 -5.38 2.68 -42.91
C ARG A 127 -5.66 4.21 -42.83
N THR A 128 -6.87 4.79 -42.91
CA THR A 128 -8.29 4.31 -42.90
C THR A 128 -8.80 3.32 -41.83
N ALA A 129 -10.05 3.53 -41.40
CA ALA A 129 -10.67 2.69 -40.37
C ALA A 129 -12.16 2.51 -40.64
N SER A 130 -12.78 1.62 -39.85
CA SER A 130 -14.14 1.13 -40.14
C SER A 130 -14.87 0.66 -38.87
N PRO A 131 -16.19 0.91 -38.80
CA PRO A 131 -16.96 0.73 -37.55
C PRO A 131 -16.90 -0.70 -37.00
N GLN A 132 -16.47 -1.64 -37.83
CA GLN A 132 -16.35 -3.02 -37.41
C GLN A 132 -14.88 -3.42 -37.35
N GLN A 133 -13.98 -2.50 -37.75
CA GLN A 133 -12.54 -2.75 -37.69
C GLN A 133 -11.87 -1.97 -36.55
N ARG A 134 -12.44 -0.82 -36.17
CA ARG A 134 -11.99 -0.12 -34.98
C ARG A 134 -12.40 -0.93 -33.75
N GLU A 135 -13.46 -1.74 -33.89
CA GLU A 135 -13.91 -2.62 -32.82
C GLU A 135 -12.94 -3.80 -32.70
N MET A 136 -12.43 -4.28 -33.84
CA MET A 136 -11.38 -5.27 -33.84
C MET A 136 -10.07 -4.65 -33.34
N MET A 137 -9.82 -3.39 -33.70
CA MET A 137 -8.64 -2.65 -33.24
C MET A 137 -8.59 -2.54 -31.73
N ASP A 138 -9.62 -1.93 -31.14
CA ASP A 138 -9.69 -1.77 -29.69
C ASP A 138 -9.83 -3.07 -28.94
N GLN A 139 -10.37 -4.11 -29.59
CA GLN A 139 -10.37 -5.45 -29.01
C GLN A 139 -8.94 -5.98 -28.98
N ALA A 140 -8.21 -5.74 -30.07
CA ALA A 140 -6.85 -6.23 -30.26
C ALA A 140 -5.87 -5.53 -29.33
N ALA A 141 -6.00 -4.21 -29.22
CA ALA A 141 -5.07 -3.41 -28.44
C ALA A 141 -5.22 -3.68 -26.95
N ALA A 142 -6.46 -3.92 -26.54
CA ALA A 142 -6.76 -4.24 -25.15
C ALA A 142 -6.19 -5.60 -24.76
N GLN A 143 -6.42 -6.61 -25.60
CA GLN A 143 -5.98 -7.96 -25.31
C GLN A 143 -4.46 -8.08 -25.39
N LEU A 144 -3.86 -7.40 -26.36
CA LEU A 144 -2.42 -7.43 -26.51
C LEU A 144 -1.75 -6.76 -25.32
N ALA A 145 -2.29 -5.60 -24.92
CA ALA A 145 -1.82 -4.93 -23.71
C ALA A 145 -1.86 -5.88 -22.52
N GLN A 146 -3.00 -6.54 -22.32
CA GLN A 146 -3.13 -7.54 -21.26
C GLN A 146 -2.08 -8.62 -21.35
N ASP A 147 -1.81 -9.07 -22.57
CA ASP A 147 -0.95 -10.26 -22.78
C ASP A 147 0.52 -9.95 -22.67
N ASN A 148 0.85 -8.67 -22.62
CA ASN A 148 2.24 -8.27 -22.67
C ASN A 148 2.60 -7.39 -21.48
N CYS A 149 1.62 -7.15 -20.63
CA CYS A 149 1.83 -6.32 -19.47
C CYS A 149 2.86 -6.91 -18.50
N GLU A 150 2.83 -8.24 -18.29
CA GLU A 150 3.74 -8.86 -17.34
C GLU A 150 5.20 -8.71 -17.78
N LEU A 151 5.43 -8.94 -19.07
CA LEU A 151 6.75 -8.76 -19.65
C LEU A 151 7.23 -7.32 -19.50
N ALA A 152 6.40 -6.36 -19.89
CA ALA A 152 6.78 -4.95 -19.82
C ALA A 152 7.11 -4.53 -18.37
N CYS A 153 6.25 -4.91 -17.44
CA CYS A 153 6.44 -4.69 -16.01
C CYS A 153 7.75 -5.29 -15.47
N CYS A 154 7.93 -6.59 -15.73
CA CYS A 154 9.17 -7.28 -15.38
C CYS A 154 10.40 -6.52 -15.83
N PHE A 155 10.38 -6.06 -17.07
CA PHE A 155 11.46 -5.24 -17.60
C PHE A 155 11.72 -4.06 -16.66
N ILE A 156 10.67 -3.31 -16.38
CA ILE A 156 10.78 -2.10 -15.56
C ILE A 156 11.16 -2.43 -14.10
N GLN A 157 10.54 -3.46 -13.53
CA GLN A 157 10.90 -3.93 -12.19
C GLN A 157 12.38 -4.24 -12.06
N LYS A 158 12.91 -4.92 -13.06
CA LYS A 158 14.30 -5.36 -13.01
C LYS A 158 15.23 -4.15 -13.10
N THR A 159 14.84 -3.19 -13.95
CA THR A 159 15.57 -1.92 -14.03
C THR A 159 15.62 -1.23 -12.67
N ALA A 160 14.48 -1.21 -11.99
CA ALA A 160 14.38 -0.61 -10.66
C ALA A 160 15.26 -1.36 -9.62
N VAL A 161 15.19 -2.69 -9.64
CA VAL A 161 15.98 -3.52 -8.73
C VAL A 161 17.49 -3.27 -8.89
N GLU A 162 17.96 -3.21 -10.13
CA GLU A 162 19.39 -3.02 -10.42
C GLU A 162 19.85 -1.69 -9.88
N LYS A 163 18.99 -0.68 -10.00
CA LYS A 163 19.35 0.65 -9.52
C LYS A 163 19.22 0.78 -8.00
N ALA A 164 18.36 -0.02 -7.39
CA ALA A 164 18.00 0.18 -5.98
C ALA A 164 19.16 -0.05 -5.02
N GLY A 165 19.93 -1.11 -5.27
CA GLY A 165 21.06 -1.47 -4.44
C GLY A 165 22.02 -0.35 -4.10
N PRO A 166 22.58 0.29 -5.12
CA PRO A 166 23.55 1.37 -4.82
C PRO A 166 22.89 2.59 -4.16
N GLU A 167 21.59 2.81 -4.36
CA GLU A 167 20.91 3.90 -3.68
C GLU A 167 20.80 3.63 -2.18
N MET A 168 20.49 2.39 -1.83
CA MET A 168 20.46 2.01 -0.43
C MET A 168 21.86 2.12 0.20
N ASP A 169 22.89 1.76 -0.55
CA ASP A 169 24.27 1.89 -0.05
C ASP A 169 24.58 3.32 0.33
N LYS A 170 24.23 4.25 -0.55
CA LYS A 170 24.45 5.66 -0.28
C LYS A 170 23.64 6.16 0.91
N ARG A 171 22.41 5.67 1.04
CA ARG A 171 21.53 6.10 2.12
C ARG A 171 22.08 5.65 3.47
N LEU A 172 22.70 4.48 3.51
CA LEU A 172 23.21 3.92 4.75
C LEU A 172 24.68 4.23 5.02
N ALA A 173 25.24 5.21 4.30
CA ALA A 173 26.66 5.56 4.47
C ALA A 173 26.97 5.95 5.92
N THR A 174 26.11 6.75 6.53
CA THR A 174 26.37 7.20 7.90
C THR A 174 26.31 6.04 8.90
N GLU A 175 25.39 5.09 8.67
CA GLU A 175 25.32 3.89 9.51
C GLU A 175 26.61 3.08 9.42
N PHE A 176 27.13 2.94 8.22
CA PHE A 176 28.39 2.24 8.03
C PHE A 176 29.54 3.05 8.67
N GLU A 177 29.43 4.38 8.62
CA GLU A 177 30.40 5.27 9.23
C GLU A 177 30.41 5.16 10.76
N LEU A 178 29.21 5.09 11.34
CA LEU A 178 29.07 4.90 12.78
C LEU A 178 29.86 3.68 13.25
N ARG A 179 29.73 2.59 12.50
CA ARG A 179 30.31 1.31 12.90
C ARG A 179 31.81 1.28 12.63
N LYS A 180 32.23 2.08 11.65
CA LYS A 180 33.64 2.15 11.25
C LYS A 180 34.43 3.07 12.18
N HIS A 181 33.83 4.20 12.51
CA HIS A 181 34.37 5.13 13.50
C HIS A 181 34.59 4.40 14.83
N ALA A 182 33.56 3.72 15.33
CA ALA A 182 33.64 3.05 16.63
C ALA A 182 34.80 2.06 16.69
N ARG A 183 34.96 1.28 15.63
CA ARG A 183 36.02 0.27 15.59
C ARG A 183 37.43 0.87 15.67
N GLN A 184 37.57 2.09 15.15
CA GLN A 184 38.84 2.81 15.19
C GLN A 184 39.16 3.36 16.58
N GLU A 185 38.14 3.67 17.38
CA GLU A 185 38.38 4.04 18.77
C GLU A 185 38.40 2.79 19.65
N GLY A 186 38.50 1.63 19.01
CA GLY A 186 38.65 0.38 19.73
C GLY A 186 37.40 -0.17 20.40
N ARG A 187 36.23 0.10 19.82
CA ARG A 187 34.99 -0.40 20.42
C ARG A 187 33.91 -0.82 19.41
N ARG A 188 32.94 -1.61 19.88
CA ARG A 188 31.81 -2.02 19.07
C ARG A 188 30.73 -0.93 19.02
N TYR A 189 30.15 -0.72 17.86
CA TYR A 189 29.02 0.22 17.80
C TYR A 189 27.78 -0.42 18.41
N CYS A 190 27.13 0.32 19.30
CA CYS A 190 25.85 -0.06 19.86
C CYS A 190 25.04 1.19 20.05
N ASP A 191 23.89 1.30 19.38
CA ASP A 191 22.99 2.41 19.60
C ASP A 191 22.57 2.48 21.06
N PRO A 192 22.91 3.59 21.74
CA PRO A 192 22.72 3.73 23.20
C PRO A 192 21.25 3.64 23.60
N VAL A 193 20.41 4.30 22.83
CA VAL A 193 18.99 4.27 23.12
C VAL A 193 18.45 2.83 23.00
N VAL A 194 18.76 2.18 21.89
CA VAL A 194 18.33 0.80 21.69
C VAL A 194 18.96 -0.14 22.71
N LEU A 195 20.25 0.05 23.01
CA LEU A 195 20.91 -0.83 23.98
C LEU A 195 20.14 -0.85 25.30
N THR A 196 19.82 0.35 25.77
CA THR A 196 19.08 0.58 27.00
C THR A 196 17.69 -0.05 26.97
N TYR A 197 16.95 0.25 25.90
CA TYR A 197 15.58 -0.26 25.78
C TYR A 197 15.56 -1.77 25.78
N GLN A 198 16.43 -2.36 24.97
CA GLN A 198 16.46 -3.81 24.85
C GLN A 198 16.79 -4.46 26.19
N ALA A 199 17.78 -3.91 26.88
CA ALA A 199 18.24 -4.46 28.16
C ALA A 199 17.19 -4.31 29.25
N GLU A 200 16.56 -3.15 29.31
CA GLU A 200 15.60 -2.88 30.38
C GLU A 200 14.20 -3.42 30.08
N ARG A 201 13.70 -3.23 28.85
CA ARG A 201 12.26 -3.49 28.60
C ARG A 201 11.92 -4.75 27.80
N MET A 202 12.85 -5.28 27.01
CA MET A 202 12.52 -6.41 26.14
C MET A 202 12.70 -7.77 26.82
N PRO A 203 11.67 -8.62 26.72
CA PRO A 203 11.74 -9.97 27.27
C PRO A 203 12.87 -10.77 26.65
N GLU A 204 13.62 -11.43 27.53
CA GLU A 204 14.81 -12.19 27.19
C GLU A 204 14.70 -12.95 25.88
N GLN A 205 13.62 -13.72 25.78
CA GLN A 205 13.36 -14.56 24.62
C GLN A 205 13.29 -13.82 23.26
N ILE A 206 13.08 -12.50 23.26
CA ILE A 206 12.91 -11.79 21.99
C ILE A 206 13.81 -10.57 21.89
N ARG A 207 14.72 -10.45 22.86
CA ARG A 207 15.69 -9.35 22.93
C ARG A 207 16.60 -9.35 21.72
N LEU A 208 16.92 -8.17 21.19
CA LEU A 208 18.06 -8.06 20.28
C LEU A 208 19.31 -8.40 21.09
N LYS A 209 20.17 -9.24 20.55
CA LYS A 209 21.38 -9.61 21.28
C LYS A 209 22.48 -8.59 21.04
N VAL A 210 23.04 -8.04 22.11
CA VAL A 210 24.25 -7.25 21.98
C VAL A 210 25.30 -8.16 21.37
N GLY A 211 25.26 -9.42 21.80
CA GLY A 211 26.22 -10.42 21.40
C GLY A 211 26.02 -11.03 20.03
N GLY A 212 25.03 -10.54 19.28
CA GLY A 212 24.87 -10.98 17.91
C GLY A 212 23.55 -11.61 17.50
N VAL A 213 23.23 -11.53 16.21
CA VAL A 213 21.98 -12.07 15.70
C VAL A 213 22.14 -13.53 15.25
N ASP A 214 21.52 -14.40 16.04
CA ASP A 214 21.39 -15.84 15.75
C ASP A 214 21.00 -16.05 14.28
N PRO A 215 21.79 -16.85 13.54
CA PRO A 215 21.52 -17.06 12.10
C PRO A 215 20.07 -17.43 11.75
N LYS A 216 19.39 -18.14 12.65
CA LYS A 216 17.97 -18.52 12.45
C LYS A 216 17.09 -17.28 12.37
N GLN A 217 17.26 -16.32 13.29
CA GLN A 217 16.53 -15.03 13.21
C GLN A 217 16.66 -14.32 11.83
N LEU A 218 17.67 -14.60 11.00
CA LEU A 218 17.78 -13.89 9.69
C LEU A 218 16.89 -14.43 8.59
N ALA A 219 16.00 -15.37 8.89
CA ALA A 219 15.16 -15.99 7.86
C ALA A 219 14.38 -14.96 7.02
N VAL A 220 13.86 -13.90 7.66
CA VAL A 220 13.09 -12.89 6.92
C VAL A 220 13.86 -12.35 5.73
N TYR A 221 15.09 -11.93 6.02
CA TYR A 221 15.90 -11.21 5.05
C TYR A 221 16.37 -12.12 3.93
N GLU A 222 16.67 -13.37 4.25
CA GLU A 222 17.01 -14.35 3.22
C GLU A 222 15.84 -14.57 2.30
N GLU A 223 14.64 -14.56 2.86
CA GLU A 223 13.46 -14.77 2.05
C GLU A 223 13.27 -13.60 1.06
N PHE A 224 13.63 -12.38 1.46
CA PHE A 224 13.56 -11.21 0.57
C PHE A 224 14.39 -11.44 -0.69
N ALA A 225 15.55 -12.07 -0.50
CA ALA A 225 16.43 -12.40 -1.62
C ALA A 225 15.87 -13.55 -2.44
N ARG A 226 15.31 -14.56 -1.77
CA ARG A 226 14.77 -15.76 -2.43
C ARG A 226 13.52 -15.48 -3.29
N ASN A 227 12.61 -14.65 -2.77
CA ASN A 227 11.26 -14.50 -3.32
C ASN A 227 10.92 -13.03 -3.62
N VAL A 228 11.16 -12.63 -4.87
CA VAL A 228 10.93 -11.27 -5.32
C VAL A 228 9.65 -11.22 -6.17
N PRO A 229 8.70 -10.37 -5.78
CA PRO A 229 7.38 -10.35 -6.45
C PRO A 229 7.49 -10.05 -7.95
N GLY A 230 6.80 -10.84 -8.78
CA GLY A 230 6.88 -10.68 -10.21
C GLY A 230 7.89 -11.57 -10.90
N PHE A 231 8.65 -12.32 -10.12
CA PHE A 231 9.62 -13.24 -10.68
C PHE A 231 9.54 -14.59 -9.98
N LEU A 232 9.93 -15.66 -10.69
CA LEU A 232 10.09 -16.99 -10.09
C LEU A 232 11.16 -16.99 -9.02
N PRO A 233 10.87 -17.57 -7.84
CA PRO A 233 11.81 -17.60 -6.72
C PRO A 233 13.13 -18.31 -7.05
N THR A 234 14.13 -18.17 -6.18
CA THR A 234 15.41 -18.83 -6.38
C THR A 234 15.52 -20.13 -5.59
N ASN A 235 16.44 -20.99 -6.02
CA ASN A 235 16.62 -22.36 -5.52
C ASN A 235 18.09 -22.77 -5.38
N ASP A 236 18.32 -24.08 -5.44
CA ASP A 236 19.68 -24.61 -5.46
C ASP A 236 19.96 -25.15 -6.86
N LEU A 237 19.52 -24.39 -7.86
CA LEU A 237 19.58 -24.75 -9.28
C LEU A 237 19.34 -26.23 -9.52
N ALA B 1 3.51 -17.09 34.54
CA ALA B 1 4.17 -16.58 33.34
C ALA B 1 4.09 -17.60 32.20
N ALA B 2 3.06 -18.45 32.24
CA ALA B 2 2.95 -19.59 31.33
C ALA B 2 2.38 -19.22 29.96
N ASP B 3 1.35 -18.38 29.94
CA ASP B 3 0.76 -17.98 28.68
C ASP B 3 1.61 -16.91 27.97
N ARG B 4 2.35 -16.11 28.74
CA ARG B 4 3.19 -15.07 28.14
C ARG B 4 4.39 -15.66 27.40
N GLU B 5 4.94 -16.75 27.92
CA GLU B 5 6.02 -17.43 27.22
C GLU B 5 5.50 -18.06 25.93
N LYS B 6 4.21 -18.38 25.93
CA LYS B 6 3.58 -18.83 24.70
C LYS B 6 3.61 -17.72 23.65
N ILE B 7 3.52 -16.46 24.05
CA ILE B 7 3.52 -15.34 23.11
C ILE B 7 4.90 -15.08 22.48
N TYR B 8 5.94 -15.21 23.30
CA TYR B 8 7.31 -14.93 22.85
C TYR B 8 7.70 -15.86 21.70
N GLN B 9 7.27 -17.11 21.79
CA GLN B 9 7.61 -18.13 20.80
C GLN B 9 6.99 -17.87 19.40
N TRP B 10 5.70 -17.52 19.36
CA TRP B 10 5.04 -17.12 18.13
C TRP B 10 5.75 -15.91 17.53
N ILE B 11 6.13 -14.95 18.36
CA ILE B 11 6.82 -13.77 17.83
C ILE B 11 8.11 -14.19 17.12
N ASN B 12 8.94 -15.00 17.78
CA ASN B 12 10.13 -15.54 17.14
C ASN B 12 9.82 -16.32 15.85
N GLU B 13 8.70 -17.02 15.86
CA GLU B 13 8.33 -17.83 14.71
C GLU B 13 7.76 -17.04 13.53
N LEU B 14 7.65 -15.72 13.67
CA LEU B 14 7.18 -14.88 12.55
C LEU B 14 8.27 -14.70 11.51
N SER B 15 9.52 -14.86 11.91
CA SER B 15 10.64 -14.57 11.02
C SER B 15 10.73 -15.60 9.89
N SER B 16 10.52 -16.86 10.21
CA SER B 16 10.60 -17.93 9.23
C SER B 16 9.25 -18.20 8.60
N PRO B 17 9.20 -18.26 7.25
CA PRO B 17 8.02 -18.57 6.44
C PRO B 17 7.40 -19.93 6.76
N GLU B 18 8.13 -20.83 7.41
CA GLU B 18 7.57 -22.15 7.75
C GLU B 18 6.63 -22.11 8.93
N THR B 19 6.94 -21.26 9.90
CA THR B 19 6.12 -21.18 11.09
C THR B 19 5.29 -19.89 11.13
N ARG B 20 5.37 -19.09 10.06
CA ARG B 20 4.86 -17.73 10.14
C ARG B 20 3.34 -17.66 10.10
N GLU B 21 2.77 -18.38 9.14
CA GLU B 21 1.32 -18.36 9.00
C GLU B 21 0.61 -18.70 10.30
N ASN B 22 1.11 -19.71 10.99
CA ASN B 22 0.52 -20.15 12.24
C ASN B 22 0.68 -19.12 13.33
N ALA B 23 1.88 -18.54 13.42
CA ALA B 23 2.14 -17.48 14.39
C ALA B 23 1.28 -16.24 14.10
N LEU B 24 1.03 -15.96 12.83
CA LEU B 24 0.15 -14.83 12.46
C LEU B 24 -1.23 -15.00 13.05
N LEU B 25 -1.81 -16.18 12.83
CA LEU B 25 -3.12 -16.54 13.35
C LEU B 25 -3.19 -16.38 14.86
N GLU B 26 -2.27 -17.02 15.57
CA GLU B 26 -2.33 -17.07 17.02
C GLU B 26 -2.12 -15.70 17.65
N LEU B 27 -1.18 -14.94 17.11
CA LEU B 27 -0.91 -13.62 17.66
C LEU B 27 -2.09 -12.67 17.37
N SER B 28 -2.70 -12.76 16.19
CA SER B 28 -3.80 -11.85 15.89
C SER B 28 -5.02 -12.07 16.81
N LYS B 29 -5.15 -13.26 17.37
CA LYS B 29 -6.22 -13.54 18.34
C LYS B 29 -5.94 -12.99 19.74
N LYS B 30 -4.66 -12.79 20.08
CA LYS B 30 -4.27 -12.46 21.45
C LYS B 30 -4.09 -10.96 21.66
N ARG B 31 -4.26 -10.18 20.59
CA ARG B 31 -3.88 -8.78 20.64
C ARG B 31 -4.77 -7.90 21.52
N GLU B 32 -5.85 -8.45 22.05
CA GLU B 32 -6.68 -7.69 23.00
C GLU B 32 -6.46 -8.16 24.44
N SER B 33 -5.53 -9.10 24.59
CA SER B 33 -5.20 -9.63 25.91
C SER B 33 -3.71 -9.50 26.18
N VAL B 34 -3.00 -8.94 25.21
CA VAL B 34 -1.57 -8.66 25.38
C VAL B 34 -1.31 -7.18 25.09
N PRO B 35 -1.45 -6.32 26.12
CA PRO B 35 -1.39 -4.87 25.96
C PRO B 35 -0.08 -4.40 25.33
N ASP B 36 1.01 -5.12 25.61
CA ASP B 36 2.32 -4.70 25.13
C ASP B 36 2.76 -5.48 23.91
N LEU B 37 1.80 -6.07 23.21
CA LEU B 37 2.11 -6.80 21.99
C LEU B 37 2.81 -5.91 20.97
N ALA B 38 2.36 -4.67 20.83
CA ALA B 38 2.89 -3.78 19.79
C ALA B 38 4.40 -3.47 19.95
N PRO B 39 4.87 -3.04 21.13
CA PRO B 39 6.31 -2.78 21.16
C PRO B 39 7.14 -4.06 21.02
N MET B 40 6.61 -5.20 21.44
CA MET B 40 7.31 -6.47 21.33
C MET B 40 7.48 -6.86 19.87
N LEU B 41 6.41 -6.68 19.09
CA LEU B 41 6.45 -6.85 17.65
C LEU B 41 7.42 -5.86 17.02
N TRP B 42 7.29 -4.58 17.38
CA TRP B 42 8.12 -3.54 16.78
C TRP B 42 9.62 -3.74 17.06
N HIS B 43 9.94 -4.01 18.31
CA HIS B 43 11.33 -3.93 18.77
C HIS B 43 12.10 -5.24 18.69
N SER B 44 11.42 -6.31 18.28
CA SER B 44 12.08 -7.59 18.07
C SER B 44 12.71 -7.66 16.68
N PHE B 45 13.66 -8.57 16.49
CA PHE B 45 14.36 -8.63 15.22
C PHE B 45 13.50 -9.21 14.10
N GLY B 46 13.45 -8.49 12.97
CA GLY B 46 12.91 -8.99 11.71
C GLY B 46 11.39 -9.10 11.62
N THR B 47 10.71 -8.84 12.73
CA THR B 47 9.28 -9.01 12.82
C THR B 47 8.48 -8.07 11.86
N ILE B 48 8.73 -6.77 11.95
CA ILE B 48 8.07 -5.80 11.09
C ILE B 48 8.42 -6.08 9.63
N ALA B 49 9.66 -6.47 9.40
CA ALA B 49 10.10 -6.82 8.05
C ALA B 49 9.33 -8.03 7.53
N ALA B 50 8.97 -8.96 8.43
CA ALA B 50 8.19 -10.13 8.04
C ALA B 50 6.75 -9.73 7.67
N LEU B 51 6.17 -8.82 8.44
CA LEU B 51 4.80 -8.33 8.17
C LEU B 51 4.74 -7.59 6.85
N LEU B 52 5.76 -6.78 6.57
CA LEU B 52 5.88 -6.10 5.28
C LEU B 52 6.05 -7.10 4.16
N GLN B 53 6.81 -8.15 4.43
CA GLN B 53 6.95 -9.23 3.49
C GLN B 53 5.59 -9.86 3.09
N GLU B 54 4.75 -10.06 4.08
CA GLU B 54 3.42 -10.62 3.87
C GLU B 54 2.59 -9.74 2.96
N ILE B 55 2.72 -8.43 3.15
CA ILE B 55 2.00 -7.45 2.37
C ILE B 55 2.45 -7.47 0.91
N VAL B 56 3.75 -7.34 0.72
CA VAL B 56 4.33 -7.23 -0.61
C VAL B 56 4.14 -8.54 -1.42
N ASN B 57 4.15 -9.69 -0.74
CA ASN B 57 4.01 -10.96 -1.43
C ASN B 57 2.62 -11.19 -2.03
N ILE B 58 1.60 -10.44 -1.61
CA ILE B 58 0.34 -10.54 -2.33
C ILE B 58 0.14 -9.47 -3.40
N TYR B 59 1.11 -8.57 -3.57
CA TYR B 59 1.04 -7.61 -4.69
C TYR B 59 0.82 -8.30 -6.05
N PRO B 60 1.47 -9.48 -6.31
CA PRO B 60 1.17 -10.11 -7.61
C PRO B 60 -0.28 -10.56 -7.78
N SER B 61 -1.00 -10.74 -6.67
CA SER B 61 -2.37 -11.22 -6.73
C SER B 61 -3.36 -10.08 -6.82
N ILE B 62 -2.86 -8.85 -6.80
CA ILE B 62 -3.69 -7.66 -6.79
C ILE B 62 -4.13 -7.28 -8.19
N ASN B 63 -3.21 -7.39 -9.14
CA ASN B 63 -3.49 -6.98 -10.51
C ASN B 63 -2.76 -7.89 -11.49
N PRO B 64 -3.50 -8.70 -12.26
CA PRO B 64 -4.96 -8.87 -12.22
C PRO B 64 -5.47 -9.43 -10.88
N PRO B 65 -6.71 -9.09 -10.51
CA PRO B 65 -7.25 -9.46 -9.18
C PRO B 65 -7.58 -10.96 -9.03
N THR B 66 -6.64 -11.71 -8.49
CA THR B 66 -6.81 -13.16 -8.33
C THR B 66 -6.75 -13.58 -6.86
N LEU B 67 -6.71 -12.60 -5.96
CA LEU B 67 -6.67 -12.85 -4.51
C LEU B 67 -7.75 -13.82 -4.02
N THR B 68 -7.33 -14.87 -3.31
CA THR B 68 -8.25 -15.87 -2.76
C THR B 68 -8.60 -15.57 -1.31
N ALA B 69 -9.61 -16.27 -0.81
CA ALA B 69 -9.98 -16.16 0.60
C ALA B 69 -8.78 -16.47 1.52
N HIS B 70 -8.04 -17.52 1.20
CA HIS B 70 -6.98 -17.94 2.10
C HIS B 70 -5.82 -16.91 2.13
N GLN B 71 -5.38 -16.46 0.96
CA GLN B 71 -4.44 -15.37 0.81
C GLN B 71 -4.87 -14.13 1.59
N SER B 72 -6.15 -13.80 1.45
CA SER B 72 -6.68 -12.60 2.06
C SER B 72 -6.73 -12.77 3.57
N ASN B 73 -7.15 -13.94 4.03
CA ASN B 73 -7.16 -14.20 5.48
C ASN B 73 -5.77 -14.12 6.08
N ARG B 74 -4.78 -14.60 5.34
CA ARG B 74 -3.43 -14.66 5.86
C ARG B 74 -2.85 -13.24 5.97
N VAL B 75 -2.87 -12.48 4.90
CA VAL B 75 -2.36 -11.12 4.92
C VAL B 75 -3.13 -10.21 5.89
N CYS B 76 -4.43 -10.46 6.07
CA CYS B 76 -5.21 -9.67 7.01
C CYS B 76 -4.84 -9.94 8.50
N ASN B 77 -4.32 -11.13 8.79
CA ASN B 77 -3.77 -11.39 10.11
C ASN B 77 -2.53 -10.51 10.32
N ALA B 78 -1.70 -10.40 9.30
CA ALA B 78 -0.53 -9.52 9.36
C ALA B 78 -0.95 -8.07 9.52
N LEU B 79 -1.98 -7.66 8.77
CA LEU B 79 -2.48 -6.28 8.85
C LEU B 79 -3.04 -6.00 10.24
N ALA B 80 -3.69 -7.00 10.81
CA ALA B 80 -4.22 -6.88 12.16
C ALA B 80 -3.09 -6.63 13.18
N LEU B 81 -1.94 -7.27 12.95
CA LEU B 81 -0.81 -7.05 13.85
C LEU B 81 -0.28 -5.63 13.66
N LEU B 82 -0.28 -5.14 12.41
CA LEU B 82 0.19 -3.79 12.14
C LEU B 82 -0.75 -2.73 12.69
N GLN B 83 -2.05 -3.01 12.72
CA GLN B 83 -3.01 -2.09 13.32
C GLN B 83 -2.72 -1.90 14.82
N CYS B 84 -2.40 -3.01 15.47
CA CYS B 84 -1.94 -3.03 16.85
C CYS B 84 -0.72 -2.10 17.07
N VAL B 85 0.24 -2.16 16.15
CA VAL B 85 1.42 -1.29 16.20
C VAL B 85 1.05 0.18 15.94
N ALA B 86 0.06 0.41 15.05
CA ALA B 86 -0.31 1.76 14.70
C ALA B 86 -1.02 2.46 15.87
N SER B 87 -1.67 1.67 16.71
CA SER B 87 -2.45 2.19 17.84
C SER B 87 -1.61 2.56 19.05
N HIS B 88 -0.53 1.82 19.28
CA HIS B 88 0.20 1.90 20.55
C HIS B 88 1.02 3.18 20.68
N PRO B 89 0.89 3.86 21.84
CA PRO B 89 1.62 5.08 22.17
C PRO B 89 3.14 4.95 21.99
N GLU B 90 3.67 3.75 22.17
CA GLU B 90 5.11 3.55 22.14
C GLU B 90 5.60 3.30 20.73
N THR B 91 4.72 2.83 19.83
CA THR B 91 5.16 2.44 18.49
C THR B 91 4.62 3.31 17.34
N ARG B 92 3.55 4.06 17.61
CA ARG B 92 2.90 4.92 16.61
C ARG B 92 3.86 5.76 15.76
N SER B 93 4.67 6.59 16.43
CA SER B 93 5.54 7.51 15.71
C SER B 93 6.56 6.81 14.83
N ALA B 94 7.15 5.73 15.32
CA ALA B 94 8.13 4.99 14.53
C ALA B 94 7.45 4.27 13.36
N PHE B 95 6.30 3.67 13.63
CA PHE B 95 5.46 3.12 12.55
C PHE B 95 5.28 4.16 11.44
N LEU B 96 4.92 5.36 11.84
CA LEU B 96 4.70 6.46 10.91
C LEU B 96 5.99 6.88 10.18
N ALA B 97 7.08 7.04 10.94
CA ALA B 97 8.37 7.41 10.37
C ALA B 97 8.85 6.39 9.33
N ALA B 98 8.50 5.12 9.55
CA ALA B 98 8.90 4.07 8.61
C ALA B 98 8.00 4.04 7.37
N HIS B 99 7.01 4.94 7.29
CA HIS B 99 6.11 5.03 6.13
C HIS B 99 5.37 3.73 5.80
N ILE B 100 5.14 2.92 6.82
CA ILE B 100 4.53 1.63 6.57
C ILE B 100 3.11 1.74 5.94
N PRO B 101 2.30 2.75 6.31
CA PRO B 101 0.99 2.81 5.61
C PRO B 101 1.07 2.85 4.09
N LEU B 102 2.17 3.31 3.50
CA LEU B 102 2.24 3.42 2.04
C LEU B 102 2.15 2.06 1.35
N PHE B 103 2.62 1.02 2.01
CA PHE B 103 2.57 -0.30 1.42
C PHE B 103 1.18 -0.92 1.51
N LEU B 104 0.26 -0.22 2.18
CA LEU B 104 -1.16 -0.58 2.25
C LEU B 104 -2.02 0.08 1.16
N TYR B 105 -1.58 1.24 0.68
CA TYR B 105 -2.31 1.98 -0.35
C TYR B 105 -2.60 1.15 -1.62
N PRO B 106 -1.66 0.28 -2.04
CA PRO B 106 -2.04 -0.56 -3.18
C PRO B 106 -3.29 -1.40 -2.91
N PHE B 107 -3.51 -1.83 -1.66
CA PHE B 107 -4.73 -2.54 -1.31
C PHE B 107 -5.94 -1.61 -1.38
N LEU B 108 -5.80 -0.38 -0.88
CA LEU B 108 -6.91 0.59 -0.85
C LEU B 108 -7.34 0.99 -2.26
N HIS B 109 -6.42 0.86 -3.20
CA HIS B 109 -6.68 1.22 -4.59
C HIS B 109 -7.46 0.16 -5.38
N THR B 110 -7.56 -1.07 -4.87
CA THR B 110 -8.24 -2.15 -5.58
C THR B 110 -9.73 -1.83 -5.72
N VAL B 111 -10.37 -2.34 -6.77
CA VAL B 111 -11.80 -2.09 -6.97
C VAL B 111 -12.64 -3.35 -7.10
N SER B 112 -11.99 -4.52 -7.10
CA SER B 112 -12.70 -5.78 -7.15
C SER B 112 -13.69 -5.93 -6.00
N LYS B 113 -14.91 -6.36 -6.33
CA LYS B 113 -15.97 -6.45 -5.36
C LYS B 113 -16.12 -7.86 -4.74
N THR B 114 -15.14 -8.73 -4.94
CA THR B 114 -15.17 -10.04 -4.28
C THR B 114 -14.88 -9.91 -2.79
N ARG B 115 -15.35 -10.87 -1.99
CA ARG B 115 -15.12 -10.78 -0.54
C ARG B 115 -13.63 -10.82 -0.09
N PRO B 116 -12.77 -11.55 -0.80
CA PRO B 116 -11.37 -11.41 -0.37
C PRO B 116 -10.83 -9.99 -0.53
N PHE B 117 -11.20 -9.27 -1.58
CA PHE B 117 -10.77 -7.88 -1.74
C PHE B 117 -11.46 -6.91 -0.80
N GLU B 118 -12.73 -7.14 -0.51
CA GLU B 118 -13.45 -6.27 0.41
C GLU B 118 -12.88 -6.38 1.83
N TYR B 119 -12.55 -7.59 2.24
CA TYR B 119 -11.95 -7.81 3.54
C TYR B 119 -10.55 -7.19 3.61
N LEU B 120 -9.78 -7.39 2.54
CA LEU B 120 -8.48 -6.76 2.39
C LEU B 120 -8.57 -5.24 2.58
N ARG B 121 -9.50 -4.61 1.86
CA ARG B 121 -9.66 -3.16 1.94
C ARG B 121 -10.11 -2.72 3.32
N LEU B 122 -11.13 -3.37 3.85
CA LEU B 122 -11.61 -3.06 5.20
C LEU B 122 -10.50 -3.14 6.25
N THR B 123 -9.70 -4.20 6.16
CA THR B 123 -8.66 -4.41 7.15
C THR B 123 -7.56 -3.36 7.00
N SER B 124 -7.21 -3.01 5.77
CA SER B 124 -6.26 -1.94 5.51
C SER B 124 -6.75 -0.60 6.04
N LEU B 125 -8.03 -0.30 5.83
CA LEU B 125 -8.67 0.91 6.34
C LEU B 125 -8.58 0.96 7.85
N GLY B 126 -8.76 -0.20 8.47
CA GLY B 126 -8.66 -0.33 9.91
C GLY B 126 -7.29 0.11 10.44
N VAL B 127 -6.23 -0.14 9.67
CA VAL B 127 -4.90 0.32 10.11
C VAL B 127 -4.81 1.85 10.09
N ILE B 128 -5.25 2.49 9.01
CA ILE B 128 -5.30 3.94 8.95
C ILE B 128 -6.26 4.47 10.04
N GLY B 129 -7.38 3.79 10.23
CA GLY B 129 -8.32 4.17 11.27
C GLY B 129 -7.67 4.21 12.65
N ALA B 130 -6.89 3.17 12.96
CA ALA B 130 -6.21 3.10 14.26
C ALA B 130 -5.29 4.30 14.44
N LEU B 131 -4.58 4.66 13.38
CA LEU B 131 -3.67 5.78 13.38
C LEU B 131 -4.32 7.11 13.75
N VAL B 132 -5.45 7.44 13.13
CA VAL B 132 -6.06 8.74 13.31
C VAL B 132 -6.88 8.82 14.60
N LYS B 133 -7.17 7.67 15.20
CA LYS B 133 -7.87 7.64 16.48
C LYS B 133 -7.03 8.29 17.58
N THR B 134 -5.71 8.21 17.42
CA THR B 134 -4.77 8.74 18.41
C THR B 134 -4.76 10.27 18.49
N ASP B 135 -5.35 10.91 17.47
CA ASP B 135 -5.42 12.38 17.38
C ASP B 135 -4.05 13.07 17.41
N GLU B 136 -3.07 12.52 16.68
CA GLU B 136 -1.76 13.16 16.53
C GLU B 136 -1.72 14.00 15.26
N GLN B 137 -1.18 15.21 15.36
CA GLN B 137 -1.11 16.08 14.19
C GLN B 137 -0.12 15.52 13.19
N GLU B 138 0.92 14.84 13.70
CA GLU B 138 1.91 14.18 12.85
C GLU B 138 1.22 13.18 11.90
N VAL B 139 0.24 12.44 12.41
CA VAL B 139 -0.49 11.50 11.58
C VAL B 139 -1.17 12.20 10.42
N ILE B 140 -1.96 13.24 10.73
CA ILE B 140 -2.68 13.99 9.69
C ILE B 140 -1.72 14.56 8.65
N ASN B 141 -0.63 15.18 9.10
CA ASN B 141 0.35 15.73 8.17
C ASN B 141 0.92 14.67 7.23
N PHE B 142 1.22 13.48 7.74
CA PHE B 142 1.64 12.39 6.88
C PHE B 142 0.55 12.04 5.87
N LEU B 143 -0.69 11.85 6.34
CA LEU B 143 -1.76 11.47 5.41
C LEU B 143 -1.96 12.49 4.30
N LEU B 144 -1.82 13.79 4.62
CA LEU B 144 -2.02 14.86 3.64
C LEU B 144 -0.95 14.89 2.54
N THR B 145 0.27 14.47 2.86
CA THR B 145 1.31 14.45 1.83
C THR B 145 1.21 13.17 0.99
N THR B 146 0.41 12.20 1.43
CA THR B 146 0.44 10.89 0.78
C THR B 146 -0.77 10.58 -0.06
N GLU B 147 -1.70 11.52 -0.16
CA GLU B 147 -2.82 11.38 -1.07
C GLU B 147 -3.78 10.21 -0.77
N ILE B 148 -4.11 10.02 0.51
CA ILE B 148 -5.09 9.03 0.88
C ILE B 148 -6.54 9.53 0.72
N ILE B 149 -6.74 10.83 0.52
CA ILE B 149 -8.10 11.35 0.38
C ILE B 149 -8.84 10.81 -0.87
N PRO B 150 -8.19 10.83 -2.06
CA PRO B 150 -8.89 10.20 -3.19
C PRO B 150 -9.19 8.71 -2.97
N LEU B 151 -8.31 8.01 -2.26
CA LEU B 151 -8.53 6.59 -2.00
C LEU B 151 -9.77 6.40 -1.14
N CYS B 152 -9.86 7.21 -0.10
CA CYS B 152 -10.99 7.17 0.78
C CYS B 152 -12.30 7.55 0.09
N LEU B 153 -12.25 8.51 -0.82
CA LEU B 153 -13.45 8.99 -1.49
C LEU B 153 -14.02 7.94 -2.42
N ARG B 154 -13.15 7.24 -3.14
CA ARG B 154 -13.59 6.16 -4.01
C ARG B 154 -14.28 5.08 -3.18
N ILE B 155 -13.72 4.72 -2.03
CA ILE B 155 -14.34 3.74 -1.17
C ILE B 155 -15.68 4.23 -0.57
N MET B 156 -15.73 5.48 -0.12
CA MET B 156 -16.93 6.05 0.46
C MET B 156 -18.12 5.95 -0.50
N GLU B 157 -17.83 5.96 -1.77
CA GLU B 157 -18.85 5.85 -2.79
C GLU B 157 -19.26 4.40 -3.11
N SER B 158 -18.31 3.47 -3.13
CA SER B 158 -18.54 2.14 -3.70
C SER B 158 -18.31 0.93 -2.82
N GLY B 159 -17.84 1.12 -1.60
CA GLY B 159 -17.52 -0.02 -0.75
C GLY B 159 -18.72 -0.61 -0.04
N SER B 160 -18.48 -1.65 0.77
CA SER B 160 -19.48 -2.12 1.70
C SER B 160 -19.80 -1.03 2.71
N GLU B 161 -20.93 -1.18 3.41
CA GLU B 161 -21.29 -0.22 4.44
C GLU B 161 -20.18 -0.03 5.48
N LEU B 162 -19.55 -1.13 5.88
CA LEU B 162 -18.43 -1.11 6.81
C LEU B 162 -17.24 -0.32 6.27
N SER B 163 -16.82 -0.62 5.05
CA SER B 163 -15.68 0.07 4.48
C SER B 163 -15.99 1.56 4.31
N LYS B 164 -17.20 1.89 3.84
CA LYS B 164 -17.63 3.29 3.70
C LYS B 164 -17.57 4.01 5.03
N THR B 165 -17.95 3.32 6.10
CA THR B 165 -17.95 3.93 7.43
C THR B 165 -16.53 4.26 7.92
N VAL B 166 -15.61 3.30 7.78
CA VAL B 166 -14.23 3.53 8.18
C VAL B 166 -13.60 4.61 7.31
N ALA B 167 -13.84 4.56 6.00
CA ALA B 167 -13.26 5.56 5.10
C ALA B 167 -13.75 6.98 5.38
N THR B 168 -15.03 7.11 5.72
CA THR B 168 -15.62 8.41 6.05
C THR B 168 -15.08 8.94 7.39
N PHE B 169 -14.90 8.03 8.34
CA PHE B 169 -14.30 8.36 9.64
C PHE B 169 -12.86 8.89 9.49
N ILE B 170 -12.11 8.30 8.58
CA ILE B 170 -10.77 8.78 8.28
C ILE B 170 -10.84 10.21 7.72
N LEU B 171 -11.73 10.43 6.76
CA LEU B 171 -11.94 11.75 6.17
C LEU B 171 -12.33 12.74 7.26
N GLN B 172 -13.24 12.29 8.12
CA GLN B 172 -13.68 13.10 9.25
C GLN B 172 -12.51 13.60 10.10
N LYS B 173 -11.63 12.68 10.52
CA LYS B 173 -10.44 13.03 11.31
C LYS B 173 -9.55 14.01 10.58
N ILE B 174 -9.34 13.79 9.29
CA ILE B 174 -8.52 14.73 8.51
C ILE B 174 -9.18 16.13 8.51
N LEU B 175 -10.50 16.18 8.26
CA LEU B 175 -11.24 17.44 8.25
C LEU B 175 -11.20 18.14 9.59
N LEU B 176 -11.31 17.38 10.68
CA LEU B 176 -11.32 17.99 12.01
C LEU B 176 -10.03 18.73 12.33
N ASP B 177 -8.93 18.31 11.70
CA ASP B 177 -7.66 19.01 11.84
C ASP B 177 -7.69 20.29 11.04
N ASP B 178 -7.19 21.37 11.63
CA ASP B 178 -7.21 22.67 10.96
C ASP B 178 -6.49 22.62 9.62
N THR B 179 -5.35 21.96 9.58
CA THR B 179 -4.57 21.81 8.35
C THR B 179 -5.33 21.01 7.30
N GLY B 180 -6.09 20.02 7.76
CA GLY B 180 -6.87 19.16 6.88
C GLY B 180 -8.05 19.91 6.28
N LEU B 181 -8.73 20.71 7.09
CA LEU B 181 -9.82 21.56 6.60
C LEU B 181 -9.32 22.53 5.53
N ALA B 182 -8.20 23.20 5.83
CA ALA B 182 -7.60 24.17 4.91
C ALA B 182 -7.21 23.52 3.58
N TYR B 183 -6.57 22.36 3.68
CA TYR B 183 -6.18 21.60 2.51
C TYR B 183 -7.37 21.25 1.59
N ILE B 184 -8.41 20.68 2.17
CA ILE B 184 -9.53 20.23 1.34
C ILE B 184 -10.28 21.44 0.74
N CYS B 185 -10.27 22.57 1.45
CA CYS B 185 -10.95 23.79 1.00
C CYS B 185 -10.03 24.74 0.25
N GLN B 186 -8.82 24.29 -0.04
CA GLN B 186 -7.82 25.13 -0.68
C GLN B 186 -8.20 25.50 -2.11
N THR B 187 -8.78 24.54 -2.84
CA THR B 187 -9.26 24.82 -4.19
C THR B 187 -10.70 24.34 -4.32
N TYR B 188 -11.41 24.92 -5.28
CA TYR B 188 -12.80 24.56 -5.49
C TYR B 188 -12.88 23.13 -6.02
N GLU B 189 -11.90 22.73 -6.82
CA GLU B 189 -11.84 21.36 -7.32
C GLU B 189 -11.82 20.34 -6.20
N ARG B 190 -10.96 20.57 -5.21
CA ARG B 190 -10.87 19.64 -4.09
C ARG B 190 -12.16 19.63 -3.28
N PHE B 191 -12.64 20.81 -2.91
CA PHE B 191 -13.83 20.90 -2.10
C PHE B 191 -15.01 20.28 -2.85
N SER B 192 -15.08 20.58 -4.15
CA SER B 192 -16.22 20.13 -4.95
C SER B 192 -16.28 18.61 -5.03
N HIS B 193 -15.12 17.99 -5.19
CA HIS B 193 -15.01 16.53 -5.26
C HIS B 193 -15.54 15.89 -3.97
N VAL B 194 -15.12 16.44 -2.84
CA VAL B 194 -15.57 15.93 -1.54
C VAL B 194 -17.09 16.12 -1.36
N ALA B 195 -17.56 17.35 -1.59
CA ALA B 195 -19.00 17.66 -1.48
C ALA B 195 -19.82 16.79 -2.41
N MET B 196 -19.35 16.62 -3.64
CA MET B 196 -20.04 15.76 -4.58
C MET B 196 -20.20 14.33 -4.04
N ILE B 197 -19.14 13.79 -3.44
CA ILE B 197 -19.21 12.43 -2.91
C ILE B 197 -20.13 12.32 -1.70
N LEU B 198 -19.99 13.26 -0.77
CA LEU B 198 -20.88 13.32 0.40
C LEU B 198 -22.36 13.42 -0.05
N GLY B 199 -22.62 14.15 -1.14
CA GLY B 199 -23.97 14.32 -1.67
C GLY B 199 -24.53 13.02 -2.19
N LYS B 200 -23.71 12.27 -2.94
CA LYS B 200 -24.08 10.93 -3.39
C LYS B 200 -24.39 9.97 -2.25
N MET B 201 -23.54 10.01 -1.23
CA MET B 201 -23.73 9.15 -0.06
C MET B 201 -25.07 9.43 0.63
N VAL B 202 -25.42 10.71 0.71
CA VAL B 202 -26.65 11.12 1.36
C VAL B 202 -27.85 10.53 0.62
N LEU B 203 -27.79 10.55 -0.70
CA LEU B 203 -28.84 9.96 -1.52
C LEU B 203 -28.97 8.47 -1.25
N GLN B 204 -27.84 7.78 -1.20
CA GLN B 204 -27.85 6.35 -0.99
C GLN B 204 -28.38 5.99 0.41
N LEU B 205 -27.98 6.77 1.41
CA LEU B 205 -28.48 6.58 2.77
C LEU B 205 -30.00 6.75 2.86
N SER B 206 -30.58 7.58 1.98
CA SER B 206 -32.02 7.84 2.07
C SER B 206 -32.83 6.63 1.63
N LYS B 207 -32.15 5.75 0.90
CA LYS B 207 -32.72 4.48 0.47
C LYS B 207 -32.33 3.32 1.39
N GLU B 208 -31.14 3.38 1.99
CA GLU B 208 -30.71 2.33 2.93
C GLU B 208 -30.04 2.90 4.16
N PRO B 209 -30.79 3.01 5.27
CA PRO B 209 -30.27 3.57 6.51
C PRO B 209 -28.98 2.92 6.99
N SER B 210 -28.05 3.77 7.39
CA SER B 210 -26.95 3.38 8.23
C SER B 210 -26.74 4.52 9.19
N ALA B 211 -27.10 4.28 10.45
CA ALA B 211 -26.92 5.29 11.50
C ALA B 211 -25.46 5.73 11.60
N ARG B 212 -24.56 4.76 11.74
CA ARG B 212 -23.13 5.03 11.86
C ARG B 212 -22.58 5.84 10.68
N LEU B 213 -22.93 5.43 9.47
CA LEU B 213 -22.43 6.10 8.28
C LEU B 213 -23.00 7.51 8.16
N LEU B 214 -24.29 7.65 8.44
CA LEU B 214 -24.95 8.96 8.37
C LEU B 214 -24.33 9.95 9.36
N LYS B 215 -24.09 9.46 10.59
CA LYS B 215 -23.40 10.26 11.60
C LYS B 215 -22.08 10.86 11.09
N HIS B 216 -21.26 10.05 10.43
CA HIS B 216 -19.94 10.53 10.00
C HIS B 216 -20.06 11.48 8.81
N VAL B 217 -21.00 11.19 7.93
CA VAL B 217 -21.31 12.07 6.80
C VAL B 217 -21.72 13.45 7.30
N VAL B 218 -22.62 13.47 8.29
CA VAL B 218 -23.10 14.73 8.87
C VAL B 218 -21.94 15.50 9.53
N ARG B 219 -21.10 14.80 10.31
CA ARG B 219 -19.96 15.45 10.96
C ARG B 219 -19.02 16.12 9.93
N CYS B 220 -18.79 15.42 8.83
CA CYS B 220 -17.98 15.97 7.75
C CYS B 220 -18.56 17.27 7.23
N TYR B 221 -19.86 17.26 6.89
CA TYR B 221 -20.53 18.49 6.46
C TYR B 221 -20.39 19.61 7.50
N LEU B 222 -20.69 19.28 8.75
CA LEU B 222 -20.60 20.25 9.83
C LEU B 222 -19.22 20.87 9.92
N ARG B 223 -18.19 20.04 9.86
CA ARG B 223 -16.84 20.56 9.92
C ARG B 223 -16.52 21.41 8.68
N LEU B 224 -16.98 20.95 7.52
CA LEU B 224 -16.80 21.72 6.31
C LEU B 224 -17.41 23.14 6.45
N SER B 225 -18.47 23.27 7.24
CA SER B 225 -19.12 24.59 7.32
C SER B 225 -18.34 25.55 8.24
N ASP B 226 -17.24 25.09 8.83
CA ASP B 226 -16.37 25.98 9.60
C ASP B 226 -15.52 26.86 8.68
N ASN B 227 -15.44 26.47 7.42
CA ASN B 227 -14.71 27.24 6.40
C ASN B 227 -15.67 28.15 5.66
N PRO B 228 -15.36 29.47 5.62
CA PRO B 228 -16.27 30.48 5.06
C PRO B 228 -16.62 30.21 3.59
N ARG B 229 -15.63 29.79 2.81
CA ARG B 229 -15.87 29.49 1.40
C ARG B 229 -16.75 28.25 1.29
N ALA B 230 -16.44 27.21 2.06
CA ALA B 230 -17.24 26.01 2.03
C ALA B 230 -18.67 26.32 2.43
N ARG B 231 -18.81 27.19 3.43
CA ARG B 231 -20.10 27.56 4.01
C ARG B 231 -20.97 28.15 2.89
N GLU B 232 -20.33 28.92 2.01
CA GLU B 232 -21.04 29.57 0.92
C GLU B 232 -21.49 28.56 -0.13
N ALA B 233 -20.63 27.60 -0.45
CA ALA B 233 -20.94 26.60 -1.45
C ALA B 233 -21.96 25.61 -0.91
N LEU B 234 -21.89 25.33 0.39
CA LEU B 234 -22.82 24.38 1.00
C LEU B 234 -24.25 24.93 1.00
N ARG B 235 -24.39 26.25 1.16
CA ARG B 235 -25.70 26.91 1.11
C ARG B 235 -26.40 26.52 -0.19
N GLN B 236 -25.63 26.44 -1.26
CA GLN B 236 -26.17 26.07 -2.56
C GLN B 236 -26.36 24.58 -2.79
N CYS B 237 -25.39 23.76 -2.38
CA CYS B 237 -25.41 22.36 -2.81
C CYS B 237 -25.73 21.34 -1.71
N LEU B 238 -26.07 21.79 -0.51
CA LEU B 238 -26.42 20.85 0.56
C LEU B 238 -27.62 19.99 0.14
N PRO B 239 -27.49 18.66 0.26
CA PRO B 239 -28.60 17.77 -0.15
C PRO B 239 -29.93 18.09 0.56
N ASP B 240 -31.03 18.10 -0.20
CA ASP B 240 -32.35 18.38 0.39
C ASP B 240 -32.74 17.39 1.46
N GLN B 241 -32.24 16.16 1.35
CA GLN B 241 -32.54 15.15 2.37
C GLN B 241 -32.00 15.55 3.74
N LEU B 242 -31.01 16.45 3.77
CA LEU B 242 -30.48 16.94 5.03
C LEU B 242 -31.26 18.14 5.58
N LYS B 243 -32.23 18.62 4.82
CA LYS B 243 -33.05 19.75 5.22
C LYS B 243 -34.47 19.35 5.62
N ASP B 244 -35.04 18.35 4.93
CA ASP B 244 -36.38 17.90 5.26
C ASP B 244 -36.36 16.84 6.36
N THR B 245 -37.41 16.02 6.43
CA THR B 245 -37.56 15.03 7.50
C THR B 245 -37.15 13.63 7.08
N THR B 246 -36.51 13.50 5.92
CA THR B 246 -36.01 12.23 5.41
C THR B 246 -35.38 11.36 6.50
N PHE B 247 -34.51 11.95 7.30
CA PHE B 247 -33.76 11.18 8.29
C PHE B 247 -34.25 11.33 9.75
N ALA B 248 -35.45 11.88 9.95
CA ALA B 248 -35.91 12.31 11.29
C ALA B 248 -36.04 11.12 12.21
N GLN B 249 -36.40 10.04 11.56
CA GLN B 249 -36.91 8.89 12.27
C GLN B 249 -35.71 8.09 12.79
N VAL B 250 -34.77 7.77 11.91
CA VAL B 250 -33.46 7.19 12.25
C VAL B 250 -32.60 8.08 13.19
N LEU B 251 -32.93 9.36 13.31
CA LEU B 251 -32.11 10.25 14.14
C LEU B 251 -32.68 10.51 15.54
N LYS B 252 -33.96 10.22 15.76
CA LYS B 252 -34.64 10.60 17.01
C LYS B 252 -33.98 9.95 18.22
N ASP B 253 -33.32 8.82 17.99
CA ASP B 253 -32.51 8.20 19.01
C ASP B 253 -31.14 8.89 19.13
N ASP B 254 -30.50 9.18 18.00
CA ASP B 254 -29.17 9.78 17.98
C ASP B 254 -29.20 11.28 18.20
N THR B 255 -29.19 11.70 19.46
CA THR B 255 -29.18 13.11 19.81
C THR B 255 -27.95 13.83 19.25
N THR B 256 -26.79 13.18 19.36
CA THR B 256 -25.53 13.77 18.92
C THR B 256 -25.57 14.17 17.44
N THR B 257 -25.98 13.25 16.57
CA THR B 257 -26.04 13.53 15.15
C THR B 257 -27.12 14.59 14.84
N LYS B 258 -28.26 14.50 15.51
CA LYS B 258 -29.31 15.52 15.43
C LYS B 258 -28.76 16.91 15.74
N ARG B 259 -28.05 17.01 16.85
CA ARG B 259 -27.47 18.27 17.28
C ARG B 259 -26.51 18.79 16.23
N TRP B 260 -25.72 17.87 15.65
CA TRP B 260 -24.73 18.24 14.63
C TRP B 260 -25.42 18.75 13.37
N LEU B 261 -26.46 18.04 12.96
CA LEU B 261 -27.25 18.42 11.80
C LEU B 261 -27.86 19.78 12.06
N ALA B 262 -28.43 19.94 13.25
CA ALA B 262 -28.96 21.22 13.67
C ALA B 262 -27.92 22.33 13.54
N GLN B 263 -26.67 22.13 14.00
CA GLN B 263 -25.71 23.24 13.93
C GLN B 263 -25.33 23.44 12.49
N LEU B 264 -25.30 22.37 11.70
CA LEU B 264 -24.91 22.54 10.30
C LEU B 264 -25.88 23.53 9.64
N VAL B 265 -27.18 23.24 9.78
CA VAL B 265 -28.21 24.12 9.23
C VAL B 265 -28.04 25.56 9.73
N LYS B 266 -27.78 25.71 11.04
CA LYS B 266 -27.68 27.01 11.67
C LYS B 266 -26.47 27.77 11.12
N ASN B 267 -25.37 27.06 10.93
CA ASN B 267 -24.15 27.66 10.39
C ASN B 267 -24.36 28.23 8.99
N LEU B 268 -25.19 27.58 8.18
CA LEU B 268 -25.38 28.03 6.80
C LEU B 268 -26.29 29.27 6.68
N GLN B 269 -26.30 30.12 7.70
CA GLN B 269 -27.06 31.38 7.64
C GLN B 269 -26.18 32.61 7.86
#